data_3D1M
#
_entry.id   3D1M
#
_cell.length_a   71.179
_cell.length_b   98.582
_cell.length_c   144.047
_cell.angle_alpha   90.000
_cell.angle_beta   90.000
_cell.angle_gamma   90.000
#
_symmetry.space_group_name_H-M   'C 2 2 21'
#
loop_
_entity.id
_entity.type
_entity.pdbx_description
1 polymer 'Sonic hedgehog protein'
2 polymer 'Cell adhesion molecule'
3 non-polymer 'ZINC ION'
4 non-polymer 'CALCIUM ION'
5 water water
#
loop_
_entity_poly.entity_id
_entity_poly.type
_entity_poly.pdbx_seq_one_letter_code
_entity_poly.pdbx_strand_id
1 'polypeptide(L)'
;GPGSGPGRGFGKRRHPKKLTPLAYKQFIPNVAEKTLGASGRYEGKITRNSERFKELTPNYNPDIIFKDEENTGADRLMTQ
RCKDKLNALAISVMNQWPGVKLRVTEGWDEDGHHSEESLHYEGRAVDITTSDRDRSKYGMLARLAVEAGFDWVYYESKAH
IHCSVKAE
;
A,B
2 'polypeptide(L)'
;GSTPITGPHIAYTEAVSDTQIMLKWTYIPSSNNNTPIQGFYIYYRPTDSDNDSDYKRDVVEGSKQWHMIGHLQPETSYDI
KMQCFNEGGESEFSNVMICETK
;
C,D
#
# COMPACT_ATOMS: atom_id res chain seq x y z
N THR A 20 29.16 -4.70 30.78
CA THR A 20 29.39 -5.05 29.36
C THR A 20 28.28 -4.48 28.48
N PRO A 21 28.65 -4.05 27.25
CA PRO A 21 27.67 -3.48 26.31
C PRO A 21 26.67 -4.48 25.74
N LEU A 22 25.45 -4.04 25.46
CA LEU A 22 24.49 -4.91 24.79
C LEU A 22 24.76 -4.87 23.30
N ALA A 23 24.34 -5.93 22.59
CA ALA A 23 24.42 -5.92 21.13
C ALA A 23 23.02 -5.88 20.59
N TYR A 24 22.94 -5.63 19.27
CA TYR A 24 21.65 -5.49 18.61
C TYR A 24 20.79 -6.72 18.87
N LYS A 25 19.55 -6.45 19.28
CA LYS A 25 18.50 -7.44 19.56
C LYS A 25 18.54 -8.05 20.96
N GLN A 26 19.57 -7.72 21.74
CA GLN A 26 19.72 -8.20 23.10
C GLN A 26 18.87 -7.40 24.08
N PHE A 27 18.35 -8.06 25.10
CA PHE A 27 17.68 -7.36 26.21
C PHE A 27 18.12 -7.90 27.58
N ILE A 28 18.00 -7.02 28.59
CA ILE A 28 18.39 -7.30 29.98
C ILE A 28 17.30 -6.71 30.90
N PRO A 29 16.72 -7.55 31.79
CA PRO A 29 17.03 -8.96 31.98
C PRO A 29 16.65 -9.77 30.74
N ASN A 30 17.35 -10.89 30.54
CA ASN A 30 17.08 -11.71 29.37
C ASN A 30 15.80 -12.55 29.51
N VAL A 31 14.68 -11.83 29.59
CA VAL A 31 13.32 -12.39 29.64
C VAL A 31 12.44 -11.39 28.91
N ALA A 32 11.21 -11.80 28.58
CA ALA A 32 10.31 -10.89 27.86
C ALA A 32 9.91 -9.66 28.70
N GLU A 33 9.71 -8.54 28.01
CA GLU A 33 9.44 -7.25 28.67
C GLU A 33 8.29 -7.30 29.68
N LYS A 34 7.24 -8.01 29.31
CA LYS A 34 6.00 -8.00 30.07
C LYS A 34 5.91 -9.06 31.19
N THR A 35 7.00 -9.80 31.37
CA THR A 35 7.14 -10.73 32.50
C THR A 35 7.26 -9.96 33.82
N LEU A 36 6.92 -10.65 34.91
CA LEU A 36 6.94 -10.04 36.23
C LEU A 36 8.32 -9.55 36.65
N GLY A 37 9.35 -10.29 36.28
CA GLY A 37 10.73 -9.94 36.61
C GLY A 37 11.28 -8.76 35.81
N ALA A 38 10.58 -8.38 34.73
CA ALA A 38 11.03 -7.28 33.88
C ALA A 38 10.13 -6.09 34.17
N SER A 39 9.40 -5.63 33.17
CA SER A 39 8.56 -4.47 33.32
C SER A 39 7.10 -4.76 33.70
N GLY A 40 6.72 -6.04 33.70
CA GLY A 40 5.36 -6.45 34.03
C GLY A 40 4.33 -6.15 32.95
N ARG A 41 3.07 -6.49 33.24
CA ARG A 41 2.03 -6.49 32.22
C ARG A 41 1.59 -5.09 31.72
N TYR A 42 1.06 -5.06 30.52
CA TYR A 42 0.36 -3.90 29.96
C TYR A 42 -0.91 -3.68 30.74
N GLU A 43 -1.27 -2.44 30.96
CA GLU A 43 -2.48 -2.11 31.73
C GLU A 43 -3.53 -1.43 30.86
N GLY A 44 -3.16 -1.08 29.63
CA GLY A 44 -4.05 -0.39 28.73
C GLY A 44 -3.53 0.95 28.27
N LYS A 45 -3.80 1.27 27.02
CA LYS A 45 -3.42 2.53 26.40
C LYS A 45 -3.96 3.72 27.21
N ILE A 46 -3.11 4.71 27.43
CA ILE A 46 -3.48 5.95 28.09
C ILE A 46 -3.64 6.99 27.00
N THR A 47 -4.86 7.49 26.84
CA THR A 47 -5.11 8.52 25.85
C THR A 47 -5.10 9.90 26.49
N ARG A 48 -4.91 10.92 25.67
CA ARG A 48 -4.89 12.31 26.08
C ARG A 48 -6.11 12.74 26.92
N ASN A 49 -7.30 12.29 26.56
CA ASN A 49 -8.49 12.75 27.31
C ASN A 49 -8.81 11.98 28.60
N SER A 50 -7.95 11.03 28.95
CA SER A 50 -8.21 10.06 30.01
C SER A 50 -7.80 10.52 31.40
N GLU A 51 -8.39 9.87 32.41
CA GLU A 51 -8.00 10.09 33.80
C GLU A 51 -6.56 9.66 34.10
N ARG A 52 -6.08 8.57 33.46
CA ARG A 52 -4.73 8.08 33.72
C ARG A 52 -3.66 9.03 33.17
N PHE A 53 -4.08 9.87 32.21
CA PHE A 53 -3.19 10.84 31.59
C PHE A 53 -2.68 11.85 32.64
N LYS A 54 -3.47 12.08 33.69
CA LYS A 54 -3.07 12.94 34.81
C LYS A 54 -1.93 12.38 35.69
N GLU A 55 -1.70 11.08 35.64
CA GLU A 55 -0.52 10.49 36.29
C GLU A 55 0.79 10.83 35.55
N LEU A 56 0.64 11.30 34.32
CA LEU A 56 1.82 11.62 33.51
C LEU A 56 2.13 13.11 33.64
N THR A 57 3.40 13.42 33.89
CA THR A 57 3.80 14.83 33.94
C THR A 57 5.09 14.98 33.15
N PRO A 58 5.28 16.15 32.54
CA PRO A 58 6.42 16.32 31.64
C PRO A 58 7.73 16.33 32.39
N ASN A 59 8.69 15.63 31.83
CA ASN A 59 10.05 15.67 32.29
C ASN A 59 10.72 16.87 31.63
N TYR A 60 11.09 17.85 32.44
CA TYR A 60 11.72 19.11 31.97
C TYR A 60 13.22 19.21 32.33
N ASN A 61 13.85 18.06 32.56
CA ASN A 61 15.27 17.95 32.84
C ASN A 61 16.10 18.57 31.72
N PRO A 62 16.91 19.62 32.05
CA PRO A 62 17.67 20.30 30.99
C PRO A 62 18.82 19.48 30.42
N ASP A 63 19.11 18.34 31.04
CA ASP A 63 20.19 17.49 30.55
C ASP A 63 19.67 16.33 29.69
N ILE A 64 18.41 16.43 29.29
CA ILE A 64 17.84 15.45 28.35
C ILE A 64 17.32 16.22 27.11
N ILE A 65 17.68 15.71 25.92
CA ILE A 65 17.13 16.20 24.66
C ILE A 65 15.91 15.38 24.27
N PHE A 66 14.80 16.08 24.05
CA PHE A 66 13.56 15.43 23.59
C PHE A 66 13.30 15.77 22.13
N LYS A 67 13.26 14.73 21.30
CA LYS A 67 13.12 14.92 19.87
C LYS A 67 11.88 15.77 19.52
N ASP A 68 10.71 15.39 20.06
CA ASP A 68 9.46 16.17 19.87
C ASP A 68 9.21 16.51 18.39
N GLU A 69 9.37 15.51 17.51
CA GLU A 69 8.93 15.67 16.12
C GLU A 69 7.41 15.95 16.04
N GLU A 70 6.69 15.58 17.09
CA GLU A 70 5.25 15.82 17.19
C GLU A 70 4.85 17.26 17.41
N ASN A 71 5.79 18.06 17.90
CA ASN A 71 5.51 19.42 18.31
C ASN A 71 4.32 19.50 19.27
N THR A 72 4.30 18.58 20.22
CA THR A 72 3.24 18.50 21.25
C THR A 72 3.80 18.39 22.67
N GLY A 73 5.09 18.06 22.77
CA GLY A 73 5.69 17.77 24.08
C GLY A 73 5.39 16.36 24.61
N ALA A 74 4.75 15.52 23.80
CA ALA A 74 4.41 14.15 24.20
C ALA A 74 5.61 13.35 24.72
N ASP A 75 6.76 13.49 24.07
CA ASP A 75 7.93 12.66 24.43
C ASP A 75 8.38 12.92 25.90
N ARG A 76 8.05 14.11 26.41
CA ARG A 76 8.39 14.45 27.81
C ARG A 76 7.55 13.72 28.84
N LEU A 77 6.36 13.26 28.43
CA LEU A 77 5.37 12.70 29.35
C LEU A 77 5.71 11.25 29.67
N MET A 78 5.72 10.93 30.96
CA MET A 78 6.13 9.60 31.44
C MET A 78 5.78 9.46 32.90
N THR A 79 5.80 8.22 33.39
CA THR A 79 5.50 7.98 34.80
C THR A 79 6.63 8.45 35.71
N GLN A 80 6.33 8.55 37.00
CA GLN A 80 7.34 8.95 37.99
C GLN A 80 8.53 8.00 37.95
N ARG A 81 8.27 6.70 37.84
CA ARG A 81 9.36 5.74 37.87
C ARG A 81 10.23 5.89 36.61
N CYS A 82 9.57 6.05 35.46
CA CYS A 82 10.28 6.27 34.23
C CYS A 82 11.16 7.53 34.32
N LYS A 83 10.60 8.63 34.85
CA LYS A 83 11.38 9.85 35.15
C LYS A 83 12.63 9.60 35.97
N ASP A 84 12.47 8.84 37.04
CA ASP A 84 13.52 8.59 38.03
C ASP A 84 14.72 7.90 37.37
N LYS A 85 14.43 6.88 36.57
CA LYS A 85 15.48 6.09 35.96
C LYS A 85 16.09 6.88 34.80
N LEU A 86 15.23 7.60 34.06
CA LEU A 86 15.70 8.42 32.96
C LEU A 86 16.66 9.52 33.43
N ASN A 87 16.30 10.17 34.52
CA ASN A 87 17.14 11.22 35.10
C ASN A 87 18.51 10.71 35.57
N ALA A 88 18.54 9.50 36.17
CA ALA A 88 19.79 8.88 36.56
C ALA A 88 20.64 8.59 35.34
N LEU A 89 20.00 8.07 34.28
CA LEU A 89 20.71 7.79 33.04
C LEU A 89 21.30 9.07 32.41
N ALA A 90 20.56 10.18 32.47
CA ALA A 90 21.06 11.45 31.93
C ALA A 90 22.42 11.82 32.55
N ILE A 91 22.57 11.58 33.85
CA ILE A 91 23.83 11.83 34.56
C ILE A 91 24.94 10.90 34.06
N SER A 92 24.63 9.60 33.96
CA SER A 92 25.67 8.64 33.64
C SER A 92 26.13 8.81 32.19
N VAL A 93 25.21 9.19 31.30
CA VAL A 93 25.58 9.49 29.91
C VAL A 93 26.62 10.62 29.83
N MET A 94 26.35 11.73 30.51
CA MET A 94 27.25 12.88 30.48
C MET A 94 28.60 12.55 31.12
N ASN A 95 28.57 11.67 32.12
CA ASN A 95 29.80 11.20 32.76
C ASN A 95 30.63 10.32 31.83
N GLN A 96 29.94 9.51 31.03
CA GLN A 96 30.60 8.53 30.17
C GLN A 96 31.33 9.19 29.02
N TRP A 97 30.66 10.19 28.42
CA TRP A 97 31.14 10.83 27.21
C TRP A 97 30.95 12.34 27.35
N PRO A 98 32.00 13.04 27.78
CA PRO A 98 31.77 14.45 28.08
C PRO A 98 31.32 15.19 26.82
N GLY A 99 30.32 16.06 26.94
CA GLY A 99 29.84 16.83 25.80
C GLY A 99 28.67 16.15 25.10
N VAL A 100 28.39 14.92 25.50
CA VAL A 100 27.28 14.11 24.93
C VAL A 100 26.15 14.05 25.94
N LYS A 101 24.91 14.12 25.46
CA LYS A 101 23.71 14.02 26.33
C LYS A 101 22.78 12.90 25.92
N LEU A 102 21.87 12.54 26.82
CA LEU A 102 20.83 11.56 26.55
C LEU A 102 19.77 12.21 25.67
N ARG A 103 19.31 11.46 24.67
CA ARG A 103 18.27 11.97 23.77
C ARG A 103 17.12 10.99 23.75
N VAL A 104 15.91 11.52 23.87
CA VAL A 104 14.68 10.73 23.83
C VAL A 104 13.97 10.94 22.50
N THR A 105 13.72 9.87 21.77
CA THR A 105 13.01 10.02 20.50
C THR A 105 11.51 9.80 20.67
N GLU A 106 11.16 8.89 21.59
CA GLU A 106 9.75 8.59 21.89
C GLU A 106 9.63 8.42 23.40
N GLY A 107 8.67 9.13 24.01
CA GLY A 107 8.27 8.87 25.39
C GLY A 107 6.89 8.25 25.36
N TRP A 108 5.92 8.93 25.98
CA TRP A 108 4.52 8.51 25.88
C TRP A 108 4.11 8.79 24.44
N ASP A 109 3.35 7.89 23.82
CA ASP A 109 2.93 8.09 22.43
C ASP A 109 1.42 8.06 22.19
N GLU A 110 0.97 8.96 21.32
CA GLU A 110 -0.41 8.93 20.77
C GLU A 110 -0.41 8.86 19.23
N ASP A 111 0.76 8.77 18.61
CA ASP A 111 0.82 8.72 17.14
C ASP A 111 0.38 7.39 16.59
N GLY A 112 0.76 6.33 17.28
CA GLY A 112 0.11 5.05 17.09
C GLY A 112 0.87 4.03 16.30
N HIS A 113 2.16 4.28 16.05
CA HIS A 113 2.97 3.37 15.23
C HIS A 113 3.55 2.21 16.04
N HIS A 114 3.41 2.24 17.37
CA HIS A 114 3.86 1.15 18.23
C HIS A 114 2.86 0.02 18.23
N SER A 115 3.35 -1.19 18.49
CA SER A 115 2.48 -2.35 18.59
C SER A 115 1.42 -2.23 19.66
N GLU A 116 0.27 -2.88 19.43
CA GLU A 116 -0.74 -3.00 20.48
C GLU A 116 -0.01 -3.50 21.74
N GLU A 117 -0.37 -2.94 22.87
CA GLU A 117 0.19 -3.32 24.16
C GLU A 117 1.61 -2.77 24.43
N SER A 118 2.06 -1.85 23.58
CA SER A 118 3.36 -1.17 23.79
C SER A 118 3.29 -0.35 25.06
N LEU A 119 4.32 -0.51 25.88
CA LEU A 119 4.47 0.33 27.08
C LEU A 119 4.64 1.83 26.78
N HIS A 120 4.96 2.18 25.54
CA HIS A 120 4.99 3.61 25.11
C HIS A 120 3.61 4.24 25.30
N TYR A 121 2.55 3.45 25.15
CA TYR A 121 1.18 3.98 25.25
C TYR A 121 0.79 4.24 26.72
N GLU A 122 1.65 3.86 27.66
CA GLU A 122 1.35 4.05 29.10
C GLU A 122 2.33 4.98 29.80
N GLY A 123 3.23 5.58 29.04
CA GLY A 123 4.25 6.45 29.62
C GLY A 123 5.33 5.72 30.40
N ARG A 124 5.50 4.43 30.10
CA ARG A 124 6.39 3.56 30.81
C ARG A 124 7.59 3.15 29.98
N ALA A 125 7.70 3.68 28.77
CA ALA A 125 8.86 3.37 27.91
C ALA A 125 9.36 4.58 27.19
N VAL A 126 10.67 4.57 26.97
CA VAL A 126 11.33 5.57 26.15
C VAL A 126 12.20 4.88 25.11
N ASP A 127 12.27 5.44 23.90
CA ASP A 127 13.32 5.09 22.94
C ASP A 127 14.37 6.22 23.09
N ILE A 128 15.65 5.84 23.12
CA ILE A 128 16.72 6.74 23.37
C ILE A 128 17.93 6.54 22.45
N THR A 129 18.64 7.65 22.26
CA THR A 129 19.95 7.65 21.61
C THR A 129 20.90 8.55 22.42
N THR A 130 22.17 8.61 22.01
CA THR A 130 23.05 9.68 22.45
C THR A 130 22.79 10.91 21.58
N SER A 131 23.13 12.07 22.10
CA SER A 131 22.90 13.33 21.38
C SER A 131 23.63 13.36 20.05
N ASP A 132 24.73 12.62 19.93
CA ASP A 132 25.52 12.67 18.70
C ASP A 132 25.11 11.62 17.66
N ARG A 133 24.10 10.81 18.00
CA ARG A 133 23.62 9.71 17.13
C ARG A 133 24.76 8.74 16.71
N ASP A 134 25.79 8.64 17.57
CA ASP A 134 26.91 7.73 17.30
C ASP A 134 26.51 6.31 17.67
N ARG A 135 26.21 5.46 16.68
CA ARG A 135 25.60 4.16 17.00
C ARG A 135 26.60 3.27 17.71
N SER A 136 27.89 3.58 17.58
CA SER A 136 28.91 2.81 18.26
C SER A 136 28.81 2.95 19.79
N LYS A 137 28.05 3.92 20.27
CA LYS A 137 27.86 4.16 21.69
C LYS A 137 26.58 3.47 22.22
N TYR A 138 25.74 2.96 21.32
CA TYR A 138 24.39 2.52 21.76
C TYR A 138 24.44 1.29 22.70
N GLY A 139 25.39 0.38 22.46
CA GLY A 139 25.48 -0.83 23.28
C GLY A 139 25.80 -0.46 24.72
N MET A 140 26.69 0.52 24.87
CA MET A 140 27.08 1.01 26.19
C MET A 140 25.95 1.86 26.80
N LEU A 141 25.25 2.63 25.95
CA LEU A 141 24.10 3.39 26.40
C LEU A 141 23.07 2.44 27.03
N ALA A 142 22.87 1.29 26.38
CA ALA A 142 21.97 0.28 26.92
C ALA A 142 22.45 -0.22 28.28
N ARG A 143 23.74 -0.54 28.39
CA ARG A 143 24.29 -0.91 29.70
C ARG A 143 24.07 0.18 30.74
N LEU A 144 24.32 1.45 30.38
CA LEU A 144 24.10 2.52 31.34
C LEU A 144 22.62 2.58 31.77
N ALA A 145 21.69 2.30 30.86
CA ALA A 145 20.25 2.27 31.23
C ALA A 145 19.94 1.15 32.22
N VAL A 146 20.56 0.00 32.04
CA VAL A 146 20.39 -1.08 33.03
C VAL A 146 20.91 -0.61 34.39
N GLU A 147 22.09 0.00 34.40
CA GLU A 147 22.68 0.43 35.68
C GLU A 147 21.85 1.56 36.34
N ALA A 148 21.16 2.35 35.53
CA ALA A 148 20.29 3.43 36.02
C ALA A 148 18.98 2.89 36.62
N GLY A 149 18.74 1.59 36.44
CA GLY A 149 17.60 0.93 37.10
C GLY A 149 16.35 0.74 36.24
N PHE A 150 16.44 0.98 34.94
CA PHE A 150 15.31 0.56 34.06
C PHE A 150 14.99 -0.93 34.24
N ASP A 151 13.69 -1.26 34.35
CA ASP A 151 13.27 -2.63 34.58
C ASP A 151 13.50 -3.55 33.38
N TRP A 152 13.52 -2.96 32.18
CA TRP A 152 13.85 -3.72 30.97
C TRP A 152 14.55 -2.79 30.00
N VAL A 153 15.60 -3.29 29.37
CA VAL A 153 16.37 -2.50 28.42
C VAL A 153 16.63 -3.42 27.23
N TYR A 154 16.35 -2.91 26.03
CA TYR A 154 16.31 -3.70 24.81
C TYR A 154 16.98 -2.93 23.67
N TYR A 155 18.01 -3.52 23.05
CA TYR A 155 18.67 -2.90 21.92
C TYR A 155 17.73 -3.19 20.72
N GLU A 156 16.62 -2.44 20.70
CA GLU A 156 15.43 -2.72 19.91
C GLU A 156 15.65 -2.55 18.41
N SER A 157 16.47 -1.56 18.08
CA SER A 157 16.69 -1.18 16.69
C SER A 157 18.13 -0.84 16.60
N LYS A 158 18.69 -0.87 15.40
CA LYS A 158 20.05 -0.35 15.22
C LYS A 158 20.06 1.14 15.51
N ALA A 159 18.87 1.74 15.51
CA ALA A 159 18.73 3.20 15.58
C ALA A 159 18.40 3.76 16.98
N HIS A 160 18.07 2.90 17.96
CA HIS A 160 17.72 3.40 19.31
C HIS A 160 17.74 2.22 20.29
N ILE A 161 17.79 2.57 21.58
CA ILE A 161 17.60 1.60 22.67
C ILE A 161 16.22 1.89 23.29
N HIS A 162 15.49 0.83 23.63
CA HIS A 162 14.17 0.90 24.29
C HIS A 162 14.33 0.54 25.76
N CYS A 163 13.82 1.39 26.62
CA CYS A 163 13.96 1.23 28.05
C CYS A 163 12.57 1.37 28.65
N SER A 164 12.19 0.44 29.51
CA SER A 164 10.90 0.53 30.20
C SER A 164 10.95 0.27 31.68
N VAL A 165 9.85 0.62 32.34
CA VAL A 165 9.73 0.41 33.76
C VAL A 165 8.41 -0.25 34.14
N LYS A 166 8.40 -0.85 35.32
CA LYS A 166 7.17 -1.38 35.91
C LYS A 166 6.15 -0.28 36.20
N ALA A 167 4.87 -0.66 36.27
CA ALA A 167 3.80 0.26 36.63
C ALA A 167 3.99 0.79 38.05
N LEU B 19 -3.29 -1.11 -45.02
CA LEU B 19 -3.70 -0.87 -43.58
C LEU B 19 -2.50 -0.43 -42.74
N THR B 20 -2.68 0.65 -42.00
CA THR B 20 -1.59 1.18 -41.18
C THR B 20 -1.87 0.88 -39.70
N PRO B 21 -0.91 0.26 -39.00
CA PRO B 21 -1.10 -0.02 -37.57
C PRO B 21 -1.30 1.27 -36.76
N LEU B 22 -2.07 1.15 -35.68
CA LEU B 22 -2.10 2.23 -34.70
C LEU B 22 -0.77 2.23 -33.93
N ALA B 23 -0.41 3.40 -33.42
CA ALA B 23 0.77 3.56 -32.59
C ALA B 23 0.37 3.31 -31.15
N TYR B 24 1.35 2.95 -30.32
CA TYR B 24 1.14 2.77 -28.90
C TYR B 24 0.51 4.04 -28.34
N LYS B 25 -0.57 3.82 -27.58
CA LYS B 25 -1.37 4.86 -26.90
C LYS B 25 -2.26 5.69 -27.85
N GLN B 26 -2.28 5.33 -29.13
CA GLN B 26 -3.21 5.95 -30.06
C GLN B 26 -4.63 5.39 -29.87
N PHE B 27 -5.63 6.22 -30.08
CA PHE B 27 -7.03 5.75 -30.12
C PHE B 27 -7.73 6.32 -31.35
N ILE B 28 -8.68 5.56 -31.89
CA ILE B 28 -9.44 5.91 -33.09
C ILE B 28 -10.91 5.56 -32.84
N PRO B 29 -11.84 6.51 -33.08
CA PRO B 29 -11.54 7.88 -33.53
C PRO B 29 -10.78 8.62 -32.45
N ASN B 30 -10.14 9.73 -32.84
CA ASN B 30 -9.28 10.50 -31.95
C ASN B 30 -10.05 11.42 -30.98
N VAL B 31 -11.00 10.83 -30.25
CA VAL B 31 -11.79 11.53 -29.24
C VAL B 31 -12.02 10.61 -28.04
N ALA B 32 -12.60 11.18 -26.98
CA ALA B 32 -12.83 10.37 -25.78
C ALA B 32 -13.81 9.23 -26.03
N GLU B 33 -13.51 8.08 -25.41
CA GLU B 33 -14.27 6.85 -25.64
C GLU B 33 -15.78 7.04 -25.49
N LYS B 34 -16.18 7.74 -24.44
CA LYS B 34 -17.57 7.81 -24.04
C LYS B 34 -18.31 8.99 -24.67
N THR B 35 -17.70 9.62 -25.67
CA THR B 35 -18.39 10.72 -26.35
C THR B 35 -19.18 10.22 -27.55
N LEU B 36 -20.10 11.06 -28.02
CA LEU B 36 -21.06 10.65 -29.05
C LEU B 36 -20.42 10.11 -30.33
N GLY B 37 -19.27 10.66 -30.72
CA GLY B 37 -18.56 10.23 -31.92
C GLY B 37 -17.86 8.89 -31.81
N ALA B 38 -17.71 8.41 -30.58
CA ALA B 38 -17.00 7.14 -30.33
C ALA B 38 -18.03 6.12 -29.83
N SER B 39 -17.86 5.62 -28.60
CA SER B 39 -18.75 4.56 -28.12
C SER B 39 -19.96 5.12 -27.35
N GLY B 40 -19.93 6.41 -27.00
CA GLY B 40 -21.04 6.98 -26.23
C GLY B 40 -21.04 6.67 -24.73
N ARG B 41 -22.00 7.25 -24.03
CA ARG B 41 -21.99 7.24 -22.56
C ARG B 41 -22.13 5.84 -21.95
N TYR B 42 -21.58 5.72 -20.75
CA TYR B 42 -21.79 4.61 -19.87
C TYR B 42 -23.26 4.62 -19.52
N GLU B 43 -23.89 3.45 -19.55
CA GLU B 43 -25.31 3.32 -19.20
C GLU B 43 -25.53 2.56 -17.89
N GLY B 44 -24.45 2.24 -17.18
CA GLY B 44 -24.54 1.69 -15.82
C GLY B 44 -23.95 0.29 -15.71
N LYS B 45 -23.40 -0.03 -14.54
CA LYS B 45 -22.75 -1.34 -14.32
C LYS B 45 -23.78 -2.44 -14.45
N ILE B 46 -23.39 -3.55 -15.07
CA ILE B 46 -24.23 -4.74 -15.08
C ILE B 46 -23.65 -5.77 -14.13
N THR B 47 -24.43 -6.14 -13.12
CA THR B 47 -23.99 -7.17 -12.18
C THR B 47 -24.66 -8.50 -12.45
N ARG B 48 -24.05 -9.54 -11.91
CA ARG B 48 -24.53 -10.91 -12.10
C ARG B 48 -26.00 -11.07 -11.69
N ASN B 49 -26.46 -10.32 -10.67
CA ASN B 49 -27.87 -10.38 -10.25
C ASN B 49 -28.82 -9.31 -10.83
N SER B 50 -28.29 -8.38 -11.64
CA SER B 50 -29.16 -7.44 -12.34
C SER B 50 -30.09 -8.16 -13.35
N GLU B 51 -31.11 -7.45 -13.83
CA GLU B 51 -31.98 -8.01 -14.87
C GLU B 51 -31.29 -7.81 -16.21
N ARG B 52 -30.52 -6.74 -16.33
CA ARG B 52 -29.75 -6.44 -17.53
C ARG B 52 -28.66 -7.48 -17.82
N PHE B 53 -28.30 -8.25 -16.80
CA PHE B 53 -27.37 -9.37 -16.99
C PHE B 53 -27.91 -10.40 -17.97
N LYS B 54 -29.22 -10.63 -17.96
CA LYS B 54 -29.83 -11.58 -18.87
C LYS B 54 -29.75 -11.14 -20.32
N GLU B 55 -29.44 -9.86 -20.56
CA GLU B 55 -29.24 -9.34 -21.92
C GLU B 55 -27.85 -9.65 -22.53
N LEU B 56 -26.93 -10.16 -21.70
CA LEU B 56 -25.63 -10.63 -22.19
C LEU B 56 -25.71 -12.14 -22.36
N THR B 57 -25.28 -12.65 -23.52
CA THR B 57 -25.21 -14.10 -23.70
C THR B 57 -23.80 -14.43 -24.17
N PRO B 58 -23.36 -15.68 -23.95
CA PRO B 58 -21.97 -16.03 -24.21
C PRO B 58 -21.66 -16.18 -25.68
N ASN B 59 -20.48 -15.70 -26.02
CA ASN B 59 -19.91 -15.86 -27.35
C ASN B 59 -19.08 -17.15 -27.33
N TYR B 60 -19.57 -18.16 -28.06
CA TYR B 60 -18.92 -19.47 -28.15
C TYR B 60 -18.21 -19.69 -29.49
N ASN B 61 -17.90 -18.60 -30.18
CA ASN B 61 -17.12 -18.63 -31.43
C ASN B 61 -15.79 -19.41 -31.32
N PRO B 62 -15.66 -20.54 -32.03
CA PRO B 62 -14.42 -21.31 -31.90
C PRO B 62 -13.21 -20.64 -32.55
N ASP B 63 -13.45 -19.57 -33.32
CA ASP B 63 -12.32 -18.83 -33.83
C ASP B 63 -11.78 -17.76 -32.90
N ILE B 64 -12.25 -17.77 -31.65
CA ILE B 64 -11.76 -16.83 -30.65
C ILE B 64 -11.29 -17.63 -29.44
N ILE B 65 -10.16 -17.22 -28.89
CA ILE B 65 -9.66 -17.77 -27.62
C ILE B 65 -10.09 -16.85 -26.48
N PHE B 66 -10.76 -17.39 -25.47
CA PHE B 66 -11.11 -16.59 -24.26
C PHE B 66 -10.26 -17.00 -23.08
N LYS B 67 -9.52 -16.03 -22.53
CA LYS B 67 -8.55 -16.30 -21.49
C LYS B 67 -9.20 -17.02 -20.30
N ASP B 68 -10.31 -16.46 -19.82
CA ASP B 68 -11.10 -17.08 -18.75
C ASP B 68 -10.27 -17.47 -17.51
N GLU B 69 -9.35 -16.59 -17.14
CA GLU B 69 -8.60 -16.73 -15.91
C GLU B 69 -9.50 -16.76 -14.68
N GLU B 70 -10.71 -16.21 -14.82
CA GLU B 70 -11.74 -16.24 -13.78
C GLU B 70 -12.36 -17.61 -13.57
N ASN B 71 -12.29 -18.46 -14.59
CA ASN B 71 -12.94 -19.75 -14.57
C ASN B 71 -14.44 -19.62 -14.31
N THR B 72 -15.03 -18.57 -14.88
CA THR B 72 -16.48 -18.32 -14.77
C THR B 72 -17.17 -18.18 -16.12
N GLY B 73 -16.38 -18.07 -17.19
CA GLY B 73 -16.92 -17.80 -18.53
C GLY B 73 -17.34 -16.34 -18.75
N ALA B 74 -17.00 -15.47 -17.79
CA ALA B 74 -17.37 -14.06 -17.90
C ALA B 74 -16.85 -13.38 -19.18
N ASP B 75 -15.65 -13.77 -19.64
CA ASP B 75 -15.02 -13.12 -20.82
C ASP B 75 -15.84 -13.30 -22.09
N ARG B 76 -16.70 -14.32 -22.08
CA ARG B 76 -17.49 -14.65 -23.27
C ARG B 76 -18.72 -13.75 -23.35
N LEU B 77 -19.07 -13.15 -22.19
CA LEU B 77 -20.31 -12.36 -22.11
C LEU B 77 -20.09 -10.96 -22.65
N MET B 78 -20.98 -10.54 -23.54
CA MET B 78 -20.89 -9.22 -24.18
C MET B 78 -22.19 -8.87 -24.85
N THR B 79 -22.37 -7.61 -25.22
CA THR B 79 -23.60 -7.26 -25.95
C THR B 79 -23.60 -7.82 -27.38
N GLN B 80 -24.77 -7.79 -28.02
CA GLN B 80 -24.86 -8.23 -29.40
C GLN B 80 -23.97 -7.42 -30.36
N ARG B 81 -23.94 -6.09 -30.20
CA ARG B 81 -23.06 -5.30 -31.09
C ARG B 81 -21.60 -5.68 -30.85
N CYS B 82 -21.21 -5.87 -29.59
CA CYS B 82 -19.87 -6.35 -29.29
C CYS B 82 -19.58 -7.65 -30.04
N LYS B 83 -20.51 -8.61 -29.95
CA LYS B 83 -20.29 -9.89 -30.63
C LYS B 83 -20.08 -9.71 -32.13
N ASP B 84 -20.90 -8.84 -32.72
CA ASP B 84 -20.92 -8.67 -34.18
C ASP B 84 -19.54 -8.15 -34.61
N LYS B 85 -19.03 -7.16 -33.89
CA LYS B 85 -17.71 -6.62 -34.26
C LYS B 85 -16.59 -7.58 -33.94
N LEU B 86 -16.69 -8.24 -32.79
CA LEU B 86 -15.66 -9.20 -32.37
C LEU B 86 -15.57 -10.36 -33.37
N ASN B 87 -16.73 -10.87 -33.78
CA ASN B 87 -16.77 -11.99 -34.72
C ASN B 87 -16.19 -11.61 -36.09
N ALA B 88 -16.47 -10.40 -36.58
CA ALA B 88 -15.82 -9.88 -37.79
C ALA B 88 -14.32 -9.81 -37.61
N LEU B 89 -13.87 -9.31 -36.45
CA LEU B 89 -12.44 -9.22 -36.17
C LEU B 89 -11.77 -10.60 -36.17
N ALA B 90 -12.47 -11.58 -35.60
CA ALA B 90 -11.92 -12.97 -35.54
C ALA B 90 -11.57 -13.45 -36.96
N ILE B 91 -12.45 -13.15 -37.90
CA ILE B 91 -12.25 -13.53 -39.30
C ILE B 91 -11.03 -12.82 -39.87
N SER B 92 -10.92 -11.51 -39.62
CA SER B 92 -9.86 -10.75 -40.27
C SER B 92 -8.49 -11.04 -39.67
N VAL B 93 -8.45 -11.38 -38.38
CA VAL B 93 -7.20 -11.80 -37.73
C VAL B 93 -6.65 -13.06 -38.40
N MET B 94 -7.50 -14.06 -38.60
CA MET B 94 -7.07 -15.34 -39.18
C MET B 94 -6.59 -15.13 -40.59
N ASN B 95 -7.25 -14.23 -41.31
CA ASN B 95 -6.83 -13.84 -42.66
C ASN B 95 -5.48 -13.14 -42.68
N GLN B 96 -5.28 -12.19 -41.76
CA GLN B 96 -4.04 -11.44 -41.70
C GLN B 96 -2.86 -12.38 -41.42
N TRP B 97 -3.07 -13.29 -40.47
CA TRP B 97 -2.00 -14.14 -39.97
C TRP B 97 -2.47 -15.58 -39.86
N PRO B 98 -2.34 -16.35 -40.95
CA PRO B 98 -2.73 -17.76 -40.91
C PRO B 98 -2.11 -18.49 -39.71
N GLY B 99 -2.92 -19.26 -39.00
CA GLY B 99 -2.46 -20.00 -37.84
C GLY B 99 -2.60 -19.25 -36.52
N VAL B 100 -2.97 -17.97 -36.61
CA VAL B 100 -3.10 -17.10 -35.43
C VAL B 100 -4.59 -16.76 -35.29
N LYS B 101 -5.07 -16.67 -34.05
CA LYS B 101 -6.44 -16.31 -33.76
C LYS B 101 -6.52 -15.12 -32.82
N LEU B 102 -7.69 -14.52 -32.83
CA LEU B 102 -8.06 -13.47 -31.86
C LEU B 102 -8.15 -14.05 -30.44
N ARG B 103 -7.63 -13.33 -29.46
CA ARG B 103 -7.73 -13.79 -28.07
C ARG B 103 -8.28 -12.68 -27.22
N VAL B 104 -9.27 -13.02 -26.38
CA VAL B 104 -9.88 -12.04 -25.48
C VAL B 104 -9.42 -12.29 -24.05
N THR B 105 -8.80 -11.27 -23.45
CA THR B 105 -8.35 -11.39 -22.05
C THR B 105 -9.44 -10.93 -21.08
N GLU B 106 -10.19 -9.91 -21.51
CA GLU B 106 -11.34 -9.39 -20.75
C GLU B 106 -12.53 -9.13 -21.68
N GLY B 107 -13.71 -9.65 -21.29
CA GLY B 107 -14.95 -9.22 -21.92
C GLY B 107 -15.77 -8.46 -20.89
N TRP B 108 -17.04 -8.85 -20.66
CA TRP B 108 -17.75 -8.34 -19.49
C TRP B 108 -16.94 -8.66 -18.23
N ASP B 109 -16.89 -7.69 -17.31
CA ASP B 109 -16.12 -7.85 -16.08
C ASP B 109 -16.93 -7.63 -14.82
N GLU B 110 -16.67 -8.50 -13.84
CA GLU B 110 -17.15 -8.35 -12.46
C GLU B 110 -16.00 -8.33 -11.46
N ASP B 111 -14.76 -8.45 -11.92
CA ASP B 111 -13.64 -8.48 -10.99
C ASP B 111 -13.29 -7.13 -10.42
N GLY B 112 -13.50 -6.08 -11.22
CA GLY B 112 -13.49 -4.72 -10.72
C GLY B 112 -12.18 -3.97 -10.83
N HIS B 113 -11.27 -4.44 -11.68
CA HIS B 113 -9.98 -3.74 -11.83
C HIS B 113 -9.97 -2.68 -12.94
N HIS B 114 -11.05 -2.56 -13.70
CA HIS B 114 -11.12 -1.52 -14.70
C HIS B 114 -11.46 -0.16 -14.06
N SER B 115 -11.35 0.88 -14.86
CA SER B 115 -11.66 2.24 -14.42
C SER B 115 -13.13 2.35 -14.02
N GLU B 116 -13.44 3.37 -13.23
CA GLU B 116 -14.81 3.65 -12.88
C GLU B 116 -15.56 3.88 -14.18
N GLU B 117 -16.75 3.32 -14.21
CA GLU B 117 -17.62 3.44 -15.36
C GLU B 117 -17.00 2.89 -16.63
N SER B 118 -16.17 1.85 -16.47
CA SER B 118 -15.60 1.16 -17.62
C SER B 118 -16.70 0.51 -18.46
N LEU B 119 -16.56 0.59 -19.79
CA LEU B 119 -17.52 -0.12 -20.64
C LEU B 119 -17.44 -1.66 -20.49
N HIS B 120 -16.35 -2.17 -19.90
CA HIS B 120 -16.25 -3.60 -19.60
C HIS B 120 -17.39 -4.01 -18.65
N TYR B 121 -17.84 -3.08 -17.80
CA TYR B 121 -18.86 -3.44 -16.80
C TYR B 121 -20.24 -3.66 -17.39
N GLU B 122 -20.44 -3.29 -18.66
CA GLU B 122 -21.73 -3.52 -19.31
C GLU B 122 -21.59 -4.34 -20.60
N GLY B 123 -20.45 -5.03 -20.72
CA GLY B 123 -20.26 -5.95 -21.82
C GLY B 123 -20.07 -5.28 -23.16
N ARG B 124 -19.60 -4.03 -23.12
CA ARG B 124 -19.44 -3.23 -24.30
C ARG B 124 -17.97 -3.06 -24.67
N ALA B 125 -17.06 -3.77 -23.98
CA ALA B 125 -15.64 -3.68 -24.32
C ALA B 125 -14.95 -5.00 -24.18
N VAL B 126 -13.92 -5.14 -24.99
CA VAL B 126 -13.03 -6.28 -24.89
C VAL B 126 -11.58 -5.81 -24.88
N ASP B 127 -10.74 -6.52 -24.10
CA ASP B 127 -9.31 -6.36 -24.19
C ASP B 127 -8.79 -7.58 -24.94
N ILE B 128 -7.90 -7.35 -25.91
CA ILE B 128 -7.57 -8.41 -26.84
C ILE B 128 -6.09 -8.45 -27.14
N THR B 129 -5.63 -9.64 -27.52
CA THR B 129 -4.29 -9.84 -28.10
C THR B 129 -4.46 -10.80 -29.30
N THR B 130 -3.34 -11.14 -29.94
CA THR B 130 -3.32 -12.30 -30.82
C THR B 130 -3.00 -13.54 -30.01
N SER B 131 -3.36 -14.71 -30.53
CA SER B 131 -3.14 -15.96 -29.82
C SER B 131 -1.67 -16.28 -29.51
N ASP B 132 -0.76 -15.73 -30.29
CA ASP B 132 0.67 -15.98 -30.12
C ASP B 132 1.36 -14.94 -29.20
N ARG B 133 0.58 -13.98 -28.69
CA ARG B 133 1.08 -12.91 -27.81
C ARG B 133 2.29 -12.15 -28.40
N ASP B 134 2.36 -12.09 -29.74
CA ASP B 134 3.40 -11.35 -30.43
C ASP B 134 3.04 -9.84 -30.40
N ARG B 135 3.65 -9.12 -29.48
CA ARG B 135 3.35 -7.69 -29.31
C ARG B 135 3.54 -6.87 -30.59
N SER B 136 4.43 -7.32 -31.48
CA SER B 136 4.70 -6.58 -32.70
C SER B 136 3.49 -6.59 -33.64
N LYS B 137 2.51 -7.47 -33.37
CA LYS B 137 1.29 -7.51 -34.18
C LYS B 137 0.21 -6.56 -33.65
N TYR B 138 0.36 -6.01 -32.45
CA TYR B 138 -0.81 -5.38 -31.78
C TYR B 138 -1.33 -4.11 -32.46
N GLY B 139 -0.42 -3.33 -33.03
CA GLY B 139 -0.85 -2.10 -33.76
C GLY B 139 -1.72 -2.44 -34.96
N MET B 140 -1.35 -3.49 -35.67
CA MET B 140 -2.13 -3.97 -36.79
C MET B 140 -3.43 -4.62 -36.26
N LEU B 141 -3.34 -5.35 -35.16
CA LEU B 141 -4.55 -5.90 -34.55
C LEU B 141 -5.58 -4.78 -34.28
N ALA B 142 -5.08 -3.66 -33.74
CA ALA B 142 -5.91 -2.50 -33.45
C ALA B 142 -6.55 -1.96 -34.73
N ARG B 143 -5.72 -1.82 -35.78
CA ARG B 143 -6.23 -1.39 -37.10
C ARG B 143 -7.32 -2.33 -37.62
N LEU B 144 -7.10 -3.64 -37.52
CA LEU B 144 -8.13 -4.58 -37.96
C LEU B 144 -9.42 -4.41 -37.16
N ALA B 145 -9.28 -4.10 -35.86
CA ALA B 145 -10.46 -3.85 -35.00
C ALA B 145 -11.22 -2.62 -35.44
N VAL B 146 -10.50 -1.56 -35.85
CA VAL B 146 -11.16 -0.38 -36.41
C VAL B 146 -11.93 -0.82 -37.64
N GLU B 147 -11.26 -1.58 -38.51
CA GLU B 147 -11.84 -1.96 -39.78
C GLU B 147 -13.03 -2.92 -39.62
N ALA B 148 -13.03 -3.66 -38.51
CA ALA B 148 -14.13 -4.54 -38.10
C ALA B 148 -15.35 -3.80 -37.56
N GLY B 149 -15.21 -2.52 -37.27
CA GLY B 149 -16.38 -1.73 -36.88
C GLY B 149 -16.52 -1.38 -35.42
N PHE B 150 -15.50 -1.68 -34.62
CA PHE B 150 -15.53 -1.22 -33.24
C PHE B 150 -15.63 0.29 -33.19
N ASP B 151 -16.48 0.80 -32.29
CA ASP B 151 -16.77 2.23 -32.23
C ASP B 151 -15.65 3.07 -31.60
N TRP B 152 -14.83 2.38 -30.81
CA TRP B 152 -13.59 2.98 -30.31
C TRP B 152 -12.52 1.90 -30.17
N VAL B 153 -11.29 2.21 -30.62
CA VAL B 153 -10.17 1.29 -30.50
C VAL B 153 -8.96 2.04 -29.89
N TYR B 154 -8.34 1.44 -28.88
CA TYR B 154 -7.31 2.11 -28.11
C TYR B 154 -6.16 1.18 -27.87
N TYR B 155 -4.96 1.57 -28.31
CA TYR B 155 -3.76 0.77 -28.11
C TYR B 155 -3.28 1.13 -26.70
N GLU B 156 -4.01 0.63 -25.72
CA GLU B 156 -3.91 1.11 -24.35
C GLU B 156 -2.62 0.72 -23.65
N SER B 157 -2.11 -0.46 -24.00
CA SER B 157 -0.97 -1.02 -23.30
C SER B 157 -0.16 -1.70 -24.35
N LYS B 158 1.14 -1.83 -24.11
CA LYS B 158 1.97 -2.68 -24.96
C LYS B 158 1.45 -4.13 -24.96
N ALA B 159 0.71 -4.51 -23.91
CA ALA B 159 0.28 -5.88 -23.70
C ALA B 159 -1.14 -6.23 -24.21
N HIS B 160 -1.95 -5.21 -24.57
CA HIS B 160 -3.29 -5.52 -25.16
C HIS B 160 -3.93 -4.28 -25.79
N ILE B 161 -4.91 -4.53 -26.68
CA ILE B 161 -5.73 -3.49 -27.35
C ILE B 161 -7.09 -3.49 -26.67
N HIS B 162 -7.64 -2.30 -26.43
CA HIS B 162 -8.98 -2.12 -25.83
C HIS B 162 -9.96 -1.69 -26.92
N CYS B 163 -11.05 -2.44 -27.09
CA CYS B 163 -12.01 -2.13 -28.15
C CYS B 163 -13.37 -2.05 -27.54
N SER B 164 -14.17 -1.08 -27.96
CA SER B 164 -15.50 -0.94 -27.36
C SER B 164 -16.57 -0.58 -28.37
N VAL B 165 -17.84 -0.73 -27.96
CA VAL B 165 -18.96 -0.43 -28.85
C VAL B 165 -20.01 0.49 -28.22
N LYS B 166 -20.84 1.05 -29.10
CA LYS B 166 -22.02 1.82 -28.71
C LYS B 166 -23.03 0.90 -28.02
N ALA B 167 -23.91 1.51 -27.21
CA ALA B 167 -24.96 0.80 -26.52
C ALA B 167 -25.94 0.30 -27.55
N GLU B 168 -26.75 -0.70 -27.17
CA GLU B 168 -27.77 -1.25 -28.06
C GLU B 168 -28.84 -0.19 -28.28
N GLY C 7 -13.68 -17.17 1.07
CA GLY C 7 -12.69 -16.49 0.12
C GLY C 7 -12.65 -14.96 0.12
N PRO C 8 -11.45 -14.37 -0.01
CA PRO C 8 -11.33 -12.91 0.09
C PRO C 8 -11.76 -12.20 -1.19
N HIS C 9 -11.93 -10.89 -1.10
CA HIS C 9 -12.21 -10.07 -2.28
C HIS C 9 -11.10 -9.05 -2.43
N ILE C 10 -10.47 -9.04 -3.59
CA ILE C 10 -9.43 -8.05 -3.83
C ILE C 10 -10.08 -6.73 -4.24
N ALA C 11 -9.86 -5.69 -3.43
CA ALA C 11 -10.47 -4.40 -3.66
C ALA C 11 -9.77 -3.60 -4.74
N TYR C 12 -8.44 -3.69 -4.76
CA TYR C 12 -7.68 -3.04 -5.81
C TYR C 12 -6.30 -3.64 -5.98
N THR C 13 -5.74 -3.40 -7.17
CA THR C 13 -4.34 -3.72 -7.45
C THR C 13 -3.73 -2.48 -8.09
N GLU C 14 -2.52 -2.12 -7.70
CA GLU C 14 -1.86 -0.98 -8.33
C GLU C 14 -0.34 -1.20 -8.40
N ALA C 15 0.25 -0.97 -9.57
CA ALA C 15 1.69 -1.11 -9.70
C ALA C 15 2.31 0.03 -8.92
N VAL C 16 3.36 -0.28 -8.18
CA VAL C 16 4.10 0.79 -7.53
C VAL C 16 5.48 1.04 -8.16
N SER C 17 5.95 0.09 -8.99
CA SER C 17 7.26 0.22 -9.64
C SER C 17 7.28 -0.71 -10.86
N ASP C 18 8.44 -0.80 -11.50
CA ASP C 18 8.62 -1.78 -12.58
C ASP C 18 8.67 -3.23 -12.10
N THR C 19 8.76 -3.45 -10.79
CA THR C 19 8.91 -4.81 -10.26
C THR C 19 7.91 -5.18 -9.16
N GLN C 20 7.00 -4.28 -8.81
CA GLN C 20 6.16 -4.46 -7.63
C GLN C 20 4.72 -4.05 -7.86
N ILE C 21 3.81 -4.85 -7.32
CA ILE C 21 2.37 -4.54 -7.36
C ILE C 21 1.77 -4.67 -5.97
N MET C 22 1.01 -3.63 -5.58
CA MET C 22 0.34 -3.58 -4.29
C MET C 22 -1.05 -4.12 -4.49
N LEU C 23 -1.50 -5.00 -3.60
CA LEU C 23 -2.92 -5.34 -3.58
C LEU C 23 -3.51 -5.17 -2.18
N LYS C 24 -4.83 -4.98 -2.13
CA LYS C 24 -5.56 -4.79 -0.88
C LYS C 24 -6.85 -5.58 -0.97
N TRP C 25 -7.18 -6.31 0.09
CA TRP C 25 -8.39 -7.12 0.10
C TRP C 25 -9.24 -6.91 1.36
N THR C 26 -10.47 -7.39 1.29
CA THR C 26 -11.34 -7.46 2.45
C THR C 26 -11.71 -8.91 2.64
N TYR C 27 -11.89 -9.30 3.90
CA TYR C 27 -12.33 -10.64 4.23
C TYR C 27 -13.37 -10.62 5.35
N ILE C 37 -8.36 -17.69 10.53
CA ILE C 37 -7.55 -17.66 9.31
C ILE C 37 -6.08 -17.70 9.68
N GLN C 38 -5.35 -18.69 9.02
CA GLN C 38 -3.91 -18.78 9.25
C GLN C 38 -3.16 -17.78 8.41
N GLY C 39 -3.64 -17.55 7.20
CA GLY C 39 -3.05 -16.56 6.34
C GLY C 39 -3.71 -16.54 5.01
N PHE C 40 -3.03 -15.91 4.07
CA PHE C 40 -3.53 -15.80 2.74
C PHE C 40 -2.44 -16.32 1.81
N TYR C 41 -2.88 -16.90 0.70
CA TYR C 41 -2.01 -17.21 -0.43
C TYR C 41 -2.33 -16.20 -1.50
N ILE C 42 -1.29 -15.53 -1.98
CA ILE C 42 -1.47 -14.58 -3.07
C ILE C 42 -0.80 -15.17 -4.29
N TYR C 43 -1.57 -15.32 -5.36
CA TYR C 43 -1.10 -15.93 -6.59
C TYR C 43 -0.94 -14.89 -7.66
N TYR C 44 0.10 -15.08 -8.48
CA TYR C 44 0.37 -14.19 -9.60
C TYR C 44 1.08 -14.92 -10.72
N ARG C 45 0.65 -14.58 -11.94
CA ARG C 45 1.10 -15.21 -13.15
C ARG C 45 1.10 -14.19 -14.26
N PRO C 46 2.10 -14.24 -15.17
CA PRO C 46 2.00 -13.31 -16.30
C PRO C 46 0.68 -13.53 -17.06
N THR C 47 0.02 -12.44 -17.40
CA THR C 47 -1.26 -12.48 -18.14
C THR C 47 -1.10 -13.18 -19.49
N ASP C 48 0.12 -13.16 -20.06
CA ASP C 48 0.36 -13.90 -21.33
C ASP C 48 0.21 -15.42 -21.18
N SER C 49 0.28 -15.91 -19.94
CA SER C 49 0.02 -17.33 -19.68
C SER C 49 -1.44 -17.61 -19.30
N ASP C 50 -2.05 -18.61 -19.94
CA ASP C 50 -3.42 -19.04 -19.60
C ASP C 50 -3.43 -20.38 -18.86
N ASN C 51 -2.24 -20.81 -18.48
CA ASN C 51 -2.05 -22.05 -17.76
C ASN C 51 -2.08 -21.83 -16.25
N ASP C 52 -3.15 -22.32 -15.61
CA ASP C 52 -3.36 -22.13 -14.17
C ASP C 52 -2.23 -22.78 -13.34
N SER C 53 -1.29 -23.46 -13.99
CA SER C 53 -0.07 -23.99 -13.31
C SER C 53 1.11 -23.04 -13.25
N ASP C 54 1.00 -21.92 -13.96
CA ASP C 54 2.05 -20.90 -14.01
C ASP C 54 1.92 -19.86 -12.89
N TYR C 55 0.93 -19.98 -12.02
CA TYR C 55 0.85 -19.08 -10.87
C TYR C 55 1.96 -19.36 -9.85
N LYS C 56 2.63 -18.29 -9.43
CA LYS C 56 3.51 -18.31 -8.26
C LYS C 56 2.69 -17.90 -7.05
N ARG C 57 3.18 -18.24 -5.86
CA ARG C 57 2.46 -18.00 -4.61
C ARG C 57 3.30 -17.27 -3.55
N ASP C 58 2.73 -16.21 -2.95
CA ASP C 58 3.25 -15.63 -1.70
C ASP C 58 2.36 -16.01 -0.51
N VAL C 59 2.99 -16.23 0.64
CA VAL C 59 2.23 -16.50 1.85
C VAL C 59 2.27 -15.30 2.79
N VAL C 60 1.09 -14.85 3.23
CA VAL C 60 1.02 -13.77 4.20
C VAL C 60 0.28 -14.17 5.48
N GLU C 61 0.74 -13.66 6.63
CA GLU C 61 0.07 -13.98 7.89
C GLU C 61 -1.37 -13.46 7.90
N GLY C 62 -2.21 -14.06 8.72
CA GLY C 62 -3.67 -13.86 8.64
C GLY C 62 -4.28 -12.55 9.08
N SER C 63 -3.53 -11.69 9.76
CA SER C 63 -4.08 -10.42 10.22
C SER C 63 -3.94 -9.32 9.15
N LYS C 64 -3.22 -9.64 8.06
CA LYS C 64 -2.87 -8.65 7.05
C LYS C 64 -4.03 -8.41 6.07
N GLN C 65 -4.21 -7.17 5.64
CA GLN C 65 -5.24 -6.84 4.62
C GLN C 65 -4.68 -6.27 3.32
N TRP C 66 -3.37 -6.27 3.19
CA TRP C 66 -2.75 -5.81 1.96
C TRP C 66 -1.42 -6.50 1.84
N HIS C 67 -0.86 -6.47 0.65
CA HIS C 67 0.41 -7.10 0.36
C HIS C 67 1.05 -6.47 -0.85
N MET C 68 2.37 -6.42 -0.83
CA MET C 68 3.14 -5.99 -1.99
C MET C 68 3.85 -7.20 -2.60
N ILE C 69 3.48 -7.55 -3.82
CA ILE C 69 4.21 -8.53 -4.60
C ILE C 69 5.46 -7.89 -5.24
N GLY C 70 6.60 -8.57 -5.14
CA GLY C 70 7.86 -8.03 -5.67
C GLY C 70 8.55 -8.97 -6.63
N HIS C 71 9.74 -8.55 -7.08
CA HIS C 71 10.57 -9.32 -8.02
C HIS C 71 9.82 -9.69 -9.31
N LEU C 72 8.88 -8.84 -9.70
CA LEU C 72 8.16 -9.02 -11.00
C LEU C 72 8.97 -8.48 -12.19
N GLN C 73 8.55 -8.83 -13.41
CA GLN C 73 9.19 -8.40 -14.64
C GLN C 73 8.73 -7.00 -15.03
N PRO C 74 9.68 -6.12 -15.41
CA PRO C 74 9.28 -4.79 -15.88
C PRO C 74 8.24 -4.87 -16.98
N GLU C 75 7.32 -3.91 -16.96
CA GLU C 75 6.38 -3.68 -18.05
C GLU C 75 5.62 -4.94 -18.43
N THR C 76 5.08 -5.63 -17.42
CA THR C 76 4.47 -6.92 -17.62
C THR C 76 3.15 -6.99 -16.90
N SER C 77 2.13 -7.48 -17.60
CA SER C 77 0.80 -7.64 -17.02
C SER C 77 0.77 -8.94 -16.21
N TYR C 78 0.15 -8.90 -15.03
CA TYR C 78 -0.05 -10.10 -14.19
C TYR C 78 -1.51 -10.29 -13.86
N ASP C 79 -1.88 -11.55 -13.74
CA ASP C 79 -3.16 -12.03 -13.23
C ASP C 79 -2.91 -12.28 -11.77
N ILE C 80 -3.81 -11.80 -10.91
CA ILE C 80 -3.59 -11.83 -9.45
C ILE C 80 -4.88 -12.28 -8.80
N LYS C 81 -4.78 -13.37 -8.04
CA LYS C 81 -5.92 -13.85 -7.26
C LYS C 81 -5.40 -14.37 -5.94
N MET C 82 -6.33 -14.66 -5.04
CA MET C 82 -5.94 -15.09 -3.71
C MET C 82 -6.91 -16.03 -3.03
N GLN C 83 -6.41 -16.65 -1.99
CA GLN C 83 -7.28 -17.43 -1.16
C GLN C 83 -6.77 -17.30 0.26
N CYS C 84 -7.70 -17.48 1.20
CA CYS C 84 -7.30 -17.49 2.57
C CYS C 84 -7.22 -18.97 2.85
N PHE C 85 -6.50 -19.30 3.91
CA PHE C 85 -6.30 -20.70 4.23
C PHE C 85 -6.16 -20.88 5.74
N ASN C 86 -6.53 -22.04 6.24
CA ASN C 86 -6.20 -22.46 7.59
C ASN C 86 -5.81 -23.89 7.51
N GLU C 87 -5.71 -24.58 8.68
CA GLU C 87 -5.32 -25.97 8.70
C GLU C 87 -6.26 -26.87 7.92
N GLY C 88 -7.52 -26.57 7.84
CA GLY C 88 -8.54 -27.37 7.16
C GLY C 88 -8.20 -27.39 5.67
N GLY C 89 -7.75 -26.23 5.14
CA GLY C 89 -7.39 -26.08 3.73
C GLY C 89 -7.52 -24.65 3.28
N GLU C 90 -7.84 -24.48 1.98
CA GLU C 90 -7.82 -23.18 1.37
C GLU C 90 -9.24 -22.81 0.94
N SER C 91 -9.61 -21.50 1.14
CA SER C 91 -10.84 -21.00 0.56
C SER C 91 -10.81 -21.32 -0.99
N GLU C 92 -11.92 -21.00 -1.62
CA GLU C 92 -11.94 -20.90 -3.08
C GLU C 92 -11.25 -19.58 -3.39
N PHE C 93 -10.94 -19.39 -4.67
CA PHE C 93 -10.24 -18.19 -5.09
C PHE C 93 -11.12 -16.96 -5.08
N SER C 94 -10.48 -15.82 -4.81
CA SER C 94 -11.10 -14.52 -4.93
C SER C 94 -11.36 -14.20 -6.40
N ASN C 95 -11.96 -13.04 -6.63
CA ASN C 95 -11.92 -12.39 -7.95
C ASN C 95 -10.49 -12.32 -8.48
N VAL C 96 -10.36 -12.18 -9.79
CA VAL C 96 -9.06 -12.20 -10.44
C VAL C 96 -8.79 -10.83 -11.10
N MET C 97 -7.77 -10.17 -10.59
CA MET C 97 -7.38 -8.83 -11.05
C MET C 97 -6.28 -8.93 -12.11
N ILE C 98 -6.23 -7.94 -13.01
CA ILE C 98 -5.12 -7.85 -13.98
C ILE C 98 -4.42 -6.51 -13.74
N CYS C 99 -3.10 -6.56 -13.55
CA CYS C 99 -2.34 -5.38 -13.20
C CYS C 99 -0.96 -5.45 -13.87
N GLU C 100 -0.53 -4.35 -14.50
CA GLU C 100 0.75 -4.31 -15.22
C GLU C 100 1.78 -3.52 -14.43
N THR C 101 2.97 -4.09 -14.25
CA THR C 101 4.07 -3.33 -13.67
C THR C 101 4.46 -2.17 -14.59
N LYS C 102 5.13 -1.18 -14.00
CA LYS C 102 5.56 -0.01 -14.73
C LYS C 102 6.69 -0.31 -15.72
N PRO D 4 -8.45 23.71 3.74
CA PRO D 4 -8.82 22.68 4.71
C PRO D 4 -8.29 22.97 6.12
N ILE D 5 -9.16 22.77 7.12
CA ILE D 5 -8.79 22.95 8.54
C ILE D 5 -8.79 21.62 9.33
N THR D 6 -9.10 20.52 8.65
CA THR D 6 -8.84 19.21 9.23
C THR D 6 -7.81 18.52 8.36
N GLY D 7 -6.77 18.02 9.00
CA GLY D 7 -5.72 17.28 8.33
C GLY D 7 -6.03 15.81 8.33
N PRO D 8 -5.29 15.02 7.54
CA PRO D 8 -5.48 13.57 7.48
C PRO D 8 -4.97 12.93 8.75
N HIS D 9 -5.29 11.66 8.97
CA HIS D 9 -4.70 10.90 10.06
C HIS D 9 -4.01 9.68 9.47
N ILE D 10 -2.76 9.46 9.86
CA ILE D 10 -2.02 8.30 9.39
C ILE D 10 -2.41 7.06 10.19
N ALA D 11 -3.02 6.10 9.50
CA ALA D 11 -3.44 4.83 10.09
C ALA D 11 -2.28 3.87 10.36
N TYR D 12 -1.36 3.77 9.41
CA TYR D 12 -0.20 2.88 9.55
C TYR D 12 0.92 3.24 8.58
N THR D 13 2.14 2.87 8.95
CA THR D 13 3.28 2.95 8.06
C THR D 13 3.96 1.58 8.16
N GLU D 14 4.34 1.01 7.02
CA GLU D 14 5.05 -0.24 7.03
C GLU D 14 6.10 -0.29 5.92
N ALA D 15 7.34 -0.68 6.24
CA ALA D 15 8.37 -0.83 5.22
C ALA D 15 7.98 -1.96 4.27
N VAL D 16 8.13 -1.73 2.97
CA VAL D 16 7.93 -2.83 2.03
C VAL D 16 9.25 -3.36 1.44
N SER D 17 10.31 -2.58 1.57
CA SER D 17 11.63 -2.99 1.11
C SER D 17 12.70 -2.20 1.87
N ASP D 18 13.96 -2.35 1.45
CA ASP D 18 15.04 -1.54 1.98
C ASP D 18 14.99 -0.08 1.54
N THR D 19 14.10 0.28 0.60
CA THR D 19 14.06 1.66 0.11
C THR D 19 12.66 2.29 0.06
N GLN D 20 11.65 1.56 0.54
CA GLN D 20 10.27 1.99 0.37
C GLN D 20 9.42 1.74 1.61
N ILE D 21 8.55 2.70 1.90
CA ILE D 21 7.61 2.62 3.01
C ILE D 21 6.20 2.95 2.53
N MET D 22 5.24 2.08 2.87
CA MET D 22 3.83 2.25 2.54
C MET D 22 3.21 3.03 3.68
N LEU D 23 2.37 4.02 3.37
CA LEU D 23 1.56 4.62 4.42
C LEU D 23 0.15 4.72 3.94
N LYS D 24 -0.77 4.60 4.88
CA LYS D 24 -2.18 4.65 4.62
C LYS D 24 -2.81 5.59 5.63
N TRP D 25 -3.69 6.45 5.13
CA TRP D 25 -4.33 7.46 5.94
C TRP D 25 -5.82 7.45 5.77
N THR D 26 -6.46 8.21 6.64
CA THR D 26 -7.84 8.48 6.46
C THR D 26 -7.96 9.99 6.31
N TYR D 27 -8.93 10.37 5.49
CA TYR D 27 -9.38 11.74 5.38
C TYR D 27 -10.85 11.73 5.01
N ILE D 28 -11.64 12.46 5.80
CA ILE D 28 -13.08 12.49 5.64
C ILE D 28 -13.41 13.87 5.05
N PRO D 29 -13.84 13.90 3.78
CA PRO D 29 -14.17 15.17 3.10
C PRO D 29 -15.13 16.11 3.85
N SER D 30 -16.16 15.55 4.48
CA SER D 30 -17.12 16.34 5.26
C SER D 30 -16.51 17.05 6.48
N SER D 31 -15.32 16.63 6.92
CA SER D 31 -14.64 17.29 8.05
C SER D 31 -14.19 18.71 7.68
N ASN D 32 -14.14 19.00 6.38
CA ASN D 32 -13.85 20.34 5.87
C ASN D 32 -14.99 20.87 4.98
N ASN D 33 -16.21 20.55 5.40
CA ASN D 33 -17.46 20.95 4.71
C ASN D 33 -17.54 20.49 3.26
N ASN D 34 -16.79 19.44 2.93
CA ASN D 34 -16.67 18.94 1.56
C ASN D 34 -15.95 19.92 0.62
N THR D 35 -15.09 20.78 1.18
CA THR D 35 -14.27 21.67 0.36
C THR D 35 -13.43 20.82 -0.59
N PRO D 36 -13.33 21.23 -1.88
CA PRO D 36 -12.55 20.38 -2.77
C PRO D 36 -11.10 20.31 -2.28
N ILE D 37 -10.55 19.11 -2.19
CA ILE D 37 -9.13 19.00 -1.85
C ILE D 37 -8.40 18.54 -3.11
N GLN D 38 -7.28 19.20 -3.38
CA GLN D 38 -6.55 18.97 -4.59
C GLN D 38 -5.59 17.82 -4.41
N GLY D 39 -5.12 17.64 -3.18
CA GLY D 39 -4.27 16.50 -2.87
C GLY D 39 -3.74 16.46 -1.46
N PHE D 40 -2.72 15.65 -1.30
CA PHE D 40 -2.02 15.49 -0.01
C PHE D 40 -0.55 15.76 -0.21
N TYR D 41 0.08 16.29 0.84
CA TYR D 41 1.54 16.38 0.91
C TYR D 41 2.01 15.40 1.97
N ILE D 42 2.98 14.58 1.60
CA ILE D 42 3.55 13.58 2.49
C ILE D 42 4.98 13.94 2.80
N TYR D 43 5.29 14.09 4.09
CA TYR D 43 6.62 14.56 4.53
C TYR D 43 7.38 13.42 5.21
N TYR D 44 8.67 13.33 4.91
CA TYR D 44 9.52 12.32 5.50
C TYR D 44 10.96 12.83 5.66
N ARG D 45 11.55 12.51 6.82
CA ARG D 45 12.90 12.89 7.10
C ARG D 45 13.54 11.81 8.01
N PRO D 46 14.86 11.59 7.86
CA PRO D 46 15.55 10.61 8.69
C PRO D 46 15.32 10.98 10.17
N THR D 47 14.99 9.98 10.97
CA THR D 47 14.73 10.14 12.40
C THR D 47 15.90 10.74 13.17
N ASP D 48 17.12 10.55 12.64
CA ASP D 48 18.31 11.13 13.26
C ASP D 48 18.33 12.66 13.14
N SER D 49 17.54 13.22 12.22
CA SER D 49 17.40 14.66 12.13
C SER D 49 16.26 15.16 13.01
N ASP D 50 16.53 16.20 13.79
CA ASP D 50 15.46 16.92 14.52
C ASP D 50 15.23 18.31 13.90
N ASN D 51 15.69 18.49 12.65
CA ASN D 51 15.59 19.76 11.93
C ASN D 51 14.34 19.69 11.09
N ASP D 52 13.35 20.50 11.44
CA ASP D 52 12.03 20.46 10.78
C ASP D 52 12.12 20.93 9.33
N SER D 53 13.25 21.56 8.97
CA SER D 53 13.59 21.88 7.57
C SER D 53 14.08 20.70 6.70
N ASP D 54 14.40 19.58 7.34
CA ASP D 54 14.97 18.43 6.66
C ASP D 54 13.90 17.45 6.12
N TYR D 55 12.62 17.78 6.29
CA TYR D 55 11.56 17.00 5.63
C TYR D 55 11.54 17.18 4.12
N LYS D 56 11.57 16.05 3.41
CA LYS D 56 11.32 16.03 1.95
C LYS D 56 9.83 15.84 1.75
N ARG D 57 9.32 16.24 0.59
CA ARG D 57 7.88 16.20 0.34
C ARG D 57 7.49 15.45 -0.95
N ASP D 58 6.52 14.52 -0.84
CA ASP D 58 5.82 13.96 -2.03
C ASP D 58 4.42 14.58 -2.13
N VAL D 59 3.98 14.88 -3.36
CA VAL D 59 2.66 15.41 -3.65
C VAL D 59 1.83 14.27 -4.24
N VAL D 60 0.67 14.00 -3.64
CA VAL D 60 -0.22 12.94 -4.15
C VAL D 60 -1.62 13.52 -4.45
N GLU D 61 -2.38 12.89 -5.37
CA GLU D 61 -3.73 13.38 -5.73
C GLU D 61 -4.79 13.14 -4.64
N GLY D 62 -5.87 13.91 -4.67
CA GLY D 62 -6.85 13.93 -3.59
C GLY D 62 -7.69 12.67 -3.40
N SER D 63 -7.76 11.82 -4.42
CA SER D 63 -8.54 10.60 -4.31
C SER D 63 -7.85 9.49 -3.54
N LYS D 64 -6.52 9.56 -3.46
CA LYS D 64 -5.72 8.50 -2.84
C LYS D 64 -5.82 8.47 -1.33
N GLN D 65 -5.83 7.26 -0.77
CA GLN D 65 -5.78 7.11 0.70
C GLN D 65 -4.55 6.33 1.14
N TRP D 66 -3.61 6.11 0.22
CA TRP D 66 -2.33 5.49 0.55
C TRP D 66 -1.27 5.97 -0.42
N HIS D 67 -0.01 5.78 -0.05
CA HIS D 67 1.12 6.19 -0.86
C HIS D 67 2.32 5.35 -0.50
N MET D 68 3.14 5.08 -1.50
CA MET D 68 4.42 4.42 -1.29
C MET D 68 5.53 5.45 -1.42
N ILE D 69 6.25 5.72 -0.32
CA ILE D 69 7.43 6.56 -0.41
C ILE D 69 8.60 5.70 -0.87
N GLY D 70 9.36 6.18 -1.85
CA GLY D 70 10.48 5.42 -2.37
C GLY D 70 11.77 6.20 -2.36
N HIS D 71 12.83 5.58 -2.88
CA HIS D 71 14.18 6.17 -2.91
C HIS D 71 14.71 6.53 -1.53
N LEU D 72 14.34 5.73 -0.55
CA LEU D 72 14.87 5.88 0.83
C LEU D 72 16.14 5.06 0.99
N GLN D 73 16.83 5.27 2.11
CA GLN D 73 18.06 4.58 2.42
C GLN D 73 17.76 3.28 3.20
N PRO D 74 18.47 2.18 2.87
CA PRO D 74 18.32 0.91 3.60
C PRO D 74 18.52 1.06 5.11
N GLU D 75 17.74 0.27 5.86
CA GLU D 75 17.80 0.19 7.33
C GLU D 75 17.88 1.55 8.00
N THR D 76 16.99 2.45 7.58
CA THR D 76 16.99 3.82 8.08
C THR D 76 15.59 4.15 8.59
N SER D 77 15.52 4.77 9.78
CA SER D 77 14.24 5.22 10.37
C SER D 77 13.89 6.58 9.81
N TYR D 78 12.59 6.77 9.52
CA TYR D 78 12.07 8.05 9.03
C TYR D 78 10.91 8.51 9.89
N ASP D 79 10.85 9.81 10.10
CA ASP D 79 9.67 10.51 10.64
C ASP D 79 8.78 10.83 9.45
N ILE D 80 7.50 10.55 9.59
CA ILE D 80 6.53 10.69 8.52
C ILE D 80 5.25 11.42 9.01
N LYS D 81 4.87 12.46 8.28
CA LYS D 81 3.65 13.19 8.59
C LYS D 81 3.08 13.76 7.29
N MET D 82 1.87 14.29 7.35
CA MET D 82 1.23 14.73 6.12
C MET D 82 0.21 15.82 6.35
N GLN D 83 -0.17 16.45 5.25
CA GLN D 83 -1.21 17.50 5.20
C GLN D 83 -2.11 17.20 3.99
N CYS D 84 -3.32 17.72 4.00
CA CYS D 84 -4.08 17.84 2.75
C CYS D 84 -4.07 19.31 2.33
N PHE D 85 -4.31 19.57 1.05
CA PHE D 85 -4.26 20.94 0.56
C PHE D 85 -5.31 21.24 -0.50
N ASN D 86 -5.58 22.52 -0.68
CA ASN D 86 -6.36 22.95 -1.82
C ASN D 86 -5.88 24.30 -2.30
N GLU D 87 -6.68 24.98 -3.13
CA GLU D 87 -6.25 26.25 -3.69
C GLU D 87 -6.05 27.31 -2.61
N GLY D 88 -6.90 27.30 -1.58
CA GLY D 88 -6.79 28.20 -0.43
C GLY D 88 -5.53 27.97 0.39
N GLY D 89 -5.14 26.72 0.62
CA GLY D 89 -3.93 26.45 1.38
C GLY D 89 -3.91 25.04 1.92
N GLU D 90 -3.35 24.87 3.12
CA GLU D 90 -3.01 23.57 3.67
C GLU D 90 -3.61 23.34 5.05
N SER D 91 -3.79 22.05 5.39
CA SER D 91 -4.24 21.66 6.72
C SER D 91 -3.10 21.67 7.73
N GLU D 92 -3.50 21.60 8.99
CA GLU D 92 -2.71 21.08 10.11
C GLU D 92 -1.92 19.82 9.70
N PHE D 93 -0.75 19.59 10.29
CA PHE D 93 -0.08 18.30 10.11
C PHE D 93 -0.83 17.17 10.82
N SER D 94 -0.74 15.97 10.24
CA SER D 94 -1.21 14.73 10.88
C SER D 94 -0.39 14.38 12.11
N ASN D 95 -0.76 13.29 12.77
CA ASN D 95 0.17 12.56 13.65
C ASN D 95 1.49 12.21 12.92
N VAL D 96 2.57 12.01 13.68
CA VAL D 96 3.86 11.79 13.07
C VAL D 96 4.27 10.39 13.47
N MET D 97 4.42 9.54 12.46
CA MET D 97 4.78 8.13 12.63
C MET D 97 6.27 8.01 12.46
N ILE D 98 6.86 6.97 13.07
CA ILE D 98 8.27 6.62 12.85
C ILE D 98 8.31 5.23 12.24
N CYS D 99 9.09 5.05 11.16
CA CYS D 99 9.06 3.79 10.43
C CYS D 99 10.40 3.56 9.80
N GLU D 100 10.95 2.35 9.97
CA GLU D 100 12.27 2.01 9.40
C GLU D 100 12.12 1.22 8.11
N THR D 101 12.93 1.56 7.11
CA THR D 101 13.03 0.68 5.94
C THR D 101 13.72 -0.63 6.37
N LYS D 102 13.59 -1.64 5.53
CA LYS D 102 14.22 -2.93 5.83
C LYS D 102 15.75 -2.87 5.69
#